data_7WTG
#
_entry.id   7WTG
#
_cell.length_a   1.00
_cell.length_b   1.00
_cell.length_c   1.00
_cell.angle_alpha   90.00
_cell.angle_beta   90.00
_cell.angle_gamma   90.00
#
_symmetry.space_group_name_H-M   'P 1'
#
loop_
_entity.id
_entity.type
_entity.pdbx_description
1 polymer 'Spike protein S1'
2 polymer 'Heavy chain of XGv051'
3 polymer 'Light chain of XGv051'
#
loop_
_entity_poly.entity_id
_entity_poly.type
_entity_poly.pdbx_seq_one_letter_code
_entity_poly.pdbx_strand_id
1 'polypeptide(L)'
;PNITNLCPFDEVFNATRFASVYAWNRKRISNCVADYSVLYNLAPFFTFKCYGVSPTKLNDLCFTNVYADSFVIRGDEVRQ
IAPGQTGNIADYNYKLPDDFTGCVIAWNSNKLDSKVSGNYNYLYRLFRKSNLKPFERDISTEIYQAGNKPCNGVAGFNCY
FPLRSYSFRPTYGVGHQPYRVVVLSFELLHAPATVCGPKKS
;
E
2 'polypeptide(L)'
;VQLVQSGAEVKKPGSSVKVSCKASGGTFSNYALSWVRQAPGQGLEWMGGIIPIFGTTNYAQKFQGRVTITADESTSTAYM
ELSSLRSEDTAVYYCARLDGYSFGHDRYYQDGMDDWGPGT
;
H
3 'polypeptide(L)'
;DIQMTQSPSSLSASVGDRVTITCRASQAIRNDLGWYQQKPGKAPKCLIYAASSLQSGVPSRFSGSGSGTEFTLTISSLQP
EDFATYFCLQQNIYPRTFGQGTKV
;
L
#
# COMPACT_ATOMS: atom_id res chain seq x y z
N PRO A 1 -47.56 -27.75 -10.79
CA PRO A 1 -47.27 -26.47 -10.15
C PRO A 1 -45.85 -25.99 -10.43
N ASN A 2 -45.06 -26.89 -11.06
CA ASN A 2 -43.67 -26.65 -11.47
C ASN A 2 -42.79 -26.27 -10.28
N ILE A 3 -42.89 -27.05 -9.20
CA ILE A 3 -42.17 -26.74 -7.98
C ILE A 3 -40.71 -27.13 -8.15
N THR A 4 -39.80 -26.29 -7.63
CA THR A 4 -38.39 -26.33 -7.98
C THR A 4 -37.51 -26.77 -6.82
N ASN A 5 -36.21 -26.89 -7.11
CA ASN A 5 -35.18 -27.18 -6.13
C ASN A 5 -34.08 -26.13 -6.21
N LEU A 6 -33.38 -25.93 -5.09
CA LEU A 6 -32.40 -24.86 -4.96
C LEU A 6 -31.02 -25.44 -4.69
N CYS A 7 -30.00 -24.61 -4.87
CA CYS A 7 -28.61 -24.92 -4.59
C CYS A 7 -28.01 -23.82 -3.71
N PRO A 8 -27.02 -24.15 -2.85
CA PRO A 8 -26.68 -23.21 -1.75
C PRO A 8 -25.91 -21.96 -2.12
N PHE A 9 -26.64 -20.90 -2.49
CA PHE A 9 -26.15 -19.55 -2.22
C PHE A 9 -26.18 -19.18 -0.75
N ASP A 10 -26.91 -19.93 0.09
CA ASP A 10 -26.87 -19.71 1.53
C ASP A 10 -25.51 -20.08 2.10
N GLU A 11 -24.82 -21.06 1.50
CA GLU A 11 -23.44 -21.33 1.86
C GLU A 11 -22.49 -20.29 1.28
N VAL A 12 -22.79 -19.78 0.07
CA VAL A 12 -21.93 -18.82 -0.59
C VAL A 12 -21.99 -17.46 0.12
N PHE A 13 -23.19 -17.00 0.46
CA PHE A 13 -23.31 -15.65 1.01
C PHE A 13 -23.30 -15.62 2.53
N ASN A 14 -24.03 -16.52 3.19
CA ASN A 14 -24.21 -16.45 4.63
C ASN A 14 -23.26 -17.39 5.37
N ALA A 15 -22.05 -17.57 4.85
CA ALA A 15 -21.05 -18.36 5.56
C ALA A 15 -20.53 -17.58 6.76
N THR A 16 -19.96 -18.32 7.71
CA THR A 16 -19.53 -17.71 8.97
C THR A 16 -18.24 -16.90 8.78
N ARG A 17 -17.18 -17.56 8.32
CA ARG A 17 -15.90 -16.91 8.08
C ARG A 17 -15.49 -17.17 6.64
N PHE A 18 -15.28 -16.10 5.88
CA PHE A 18 -14.92 -16.26 4.49
C PHE A 18 -13.44 -16.57 4.35
N ALA A 19 -13.03 -16.87 3.12
CA ALA A 19 -11.63 -17.14 2.84
C ALA A 19 -10.85 -15.84 2.77
N SER A 20 -9.54 -15.99 2.55
CA SER A 20 -8.63 -14.84 2.46
C SER A 20 -8.69 -14.27 1.05
N VAL A 21 -7.79 -13.34 0.75
CA VAL A 21 -7.79 -12.75 -0.59
C VAL A 21 -6.91 -13.56 -1.53
N TYR A 22 -5.73 -13.98 -1.06
CA TYR A 22 -4.75 -14.64 -1.92
C TYR A 22 -5.18 -16.04 -2.33
N ALA A 23 -5.94 -16.73 -1.47
CA ALA A 23 -6.48 -18.05 -1.78
C ALA A 23 -8.00 -17.95 -1.62
N TRP A 24 -8.67 -17.50 -2.67
CA TRP A 24 -10.12 -17.32 -2.65
C TRP A 24 -10.81 -18.60 -3.09
N ASN A 25 -11.85 -18.98 -2.36
CA ASN A 25 -12.49 -20.28 -2.55
C ASN A 25 -13.48 -20.30 -3.72
N ARG A 26 -12.99 -20.73 -4.87
CA ARG A 26 -13.80 -20.85 -6.08
C ARG A 26 -14.78 -22.00 -5.94
N LYS A 27 -16.07 -21.71 -6.03
CA LYS A 27 -17.12 -22.72 -5.92
C LYS A 27 -17.86 -22.81 -7.25
N ARG A 28 -17.91 -24.00 -7.82
CA ARG A 28 -18.74 -24.24 -9.00
C ARG A 28 -20.17 -24.52 -8.56
N ILE A 29 -21.12 -24.01 -9.32
CA ILE A 29 -22.53 -24.15 -9.00
C ILE A 29 -23.25 -24.65 -10.25
N SER A 30 -23.92 -25.79 -10.12
CA SER A 30 -24.62 -26.44 -11.24
C SER A 30 -25.92 -27.05 -10.74
N ASN A 31 -26.82 -27.32 -11.69
CA ASN A 31 -28.08 -28.06 -11.50
C ASN A 31 -29.00 -27.38 -10.49
N CYS A 32 -29.46 -26.18 -10.86
CA CYS A 32 -30.27 -25.38 -9.96
C CYS A 32 -31.44 -24.74 -10.70
N VAL A 33 -32.28 -24.09 -9.91
CA VAL A 33 -32.89 -22.83 -10.32
C VAL A 33 -32.19 -21.75 -9.51
N ALA A 34 -31.99 -20.59 -10.11
CA ALA A 34 -31.11 -19.58 -9.55
C ALA A 34 -31.93 -18.38 -9.13
N ASP A 35 -32.31 -18.35 -7.86
CA ASP A 35 -33.14 -17.28 -7.31
C ASP A 35 -32.24 -16.10 -7.00
N TYR A 36 -32.08 -15.20 -7.96
CA TYR A 36 -31.26 -14.02 -7.77
C TYR A 36 -31.99 -12.87 -7.09
N SER A 37 -33.27 -13.04 -6.78
CA SER A 37 -34.09 -11.98 -6.18
C SER A 37 -33.59 -11.61 -4.79
N VAL A 38 -33.15 -12.62 -4.02
CA VAL A 38 -32.47 -12.41 -2.75
C VAL A 38 -31.17 -11.63 -2.98
N LEU A 39 -30.49 -11.91 -4.09
CA LEU A 39 -29.30 -11.15 -4.46
C LEU A 39 -29.67 -9.77 -5.00
N TYR A 40 -30.92 -9.60 -5.45
CA TYR A 40 -31.26 -8.40 -6.21
C TYR A 40 -31.55 -7.23 -5.29
N ASN A 41 -31.81 -7.51 -4.01
CA ASN A 41 -32.22 -6.49 -3.06
C ASN A 41 -31.05 -5.60 -2.66
N LEU A 42 -31.24 -4.28 -2.77
CA LEU A 42 -30.17 -3.33 -2.49
C LEU A 42 -30.08 -3.00 -1.01
N ALA A 43 -31.04 -3.48 -0.21
CA ALA A 43 -31.00 -3.23 1.22
C ALA A 43 -29.95 -4.07 1.97
N PRO A 44 -29.77 -5.39 1.75
CA PRO A 44 -28.62 -6.04 2.41
C PRO A 44 -27.28 -5.73 1.74
N PHE A 45 -27.23 -5.74 0.41
CA PHE A 45 -25.98 -5.64 -0.34
C PHE A 45 -25.94 -4.29 -1.03
N PHE A 46 -24.95 -3.47 -0.67
CA PHE A 46 -24.95 -2.07 -1.11
C PHE A 46 -24.56 -1.95 -2.58
N THR A 47 -23.55 -2.69 -3.01
CA THR A 47 -23.00 -2.55 -4.35
C THR A 47 -23.36 -3.78 -5.17
N PHE A 48 -24.00 -3.56 -6.31
CA PHE A 48 -24.34 -4.65 -7.23
C PHE A 48 -24.10 -4.17 -8.67
N LYS A 49 -22.91 -3.62 -8.94
CA LYS A 49 -22.65 -3.06 -10.26
C LYS A 49 -22.36 -4.20 -11.23
N CYS A 50 -23.04 -4.21 -12.37
CA CYS A 50 -22.90 -5.33 -13.28
C CYS A 50 -22.53 -4.91 -14.69
N TYR A 51 -21.68 -5.74 -15.30
CA TYR A 51 -20.92 -5.37 -16.49
C TYR A 51 -21.26 -6.23 -17.70
N GLY A 52 -21.32 -7.55 -17.54
CA GLY A 52 -21.64 -8.42 -18.65
C GLY A 52 -23.10 -8.38 -19.03
N VAL A 53 -23.97 -8.73 -18.09
CA VAL A 53 -25.41 -8.77 -18.32
C VAL A 53 -26.10 -7.83 -17.33
N SER A 54 -27.28 -7.38 -17.72
CA SER A 54 -28.07 -6.47 -16.90
C SER A 54 -28.71 -7.23 -15.74
N PRO A 55 -28.96 -6.55 -14.61
CA PRO A 55 -29.70 -7.21 -13.51
C PRO A 55 -31.14 -7.52 -13.82
N THR A 56 -31.75 -6.86 -14.81
CA THR A 56 -33.14 -7.16 -15.17
C THR A 56 -33.26 -8.45 -15.97
N LYS A 57 -32.22 -8.81 -16.72
CA LYS A 57 -32.25 -9.95 -17.63
C LYS A 57 -31.62 -11.21 -17.04
N LEU A 58 -31.29 -11.18 -15.74
CA LEU A 58 -30.63 -12.30 -15.05
C LEU A 58 -31.47 -13.57 -14.98
N ASN A 59 -32.78 -13.47 -15.13
CA ASN A 59 -33.65 -14.63 -15.17
C ASN A 59 -33.91 -15.10 -16.60
N ASP A 60 -33.06 -14.71 -17.55
CA ASP A 60 -33.13 -15.18 -18.93
C ASP A 60 -31.71 -15.24 -19.47
N LEU A 61 -31.58 -15.84 -20.66
CA LEU A 61 -30.32 -16.10 -21.38
C LEU A 61 -29.35 -16.89 -20.49
N CYS A 62 -29.87 -17.97 -19.95
CA CYS A 62 -29.28 -18.65 -18.80
C CYS A 62 -28.16 -19.59 -19.22
N PHE A 63 -27.36 -19.99 -18.23
CA PHE A 63 -25.97 -20.40 -18.44
C PHE A 63 -25.76 -21.85 -18.03
N THR A 64 -24.55 -22.33 -18.30
CA THR A 64 -24.21 -23.73 -18.07
C THR A 64 -23.94 -24.02 -16.60
N ASN A 65 -22.93 -23.37 -16.02
CA ASN A 65 -22.65 -23.45 -14.60
C ASN A 65 -21.98 -22.16 -14.19
N VAL A 66 -22.24 -21.71 -12.97
CA VAL A 66 -21.76 -20.39 -12.57
C VAL A 66 -20.68 -20.57 -11.52
N TYR A 67 -19.82 -19.56 -11.42
CA TYR A 67 -18.64 -19.63 -10.55
C TYR A 67 -18.76 -18.55 -9.49
N ALA A 68 -18.82 -18.95 -8.22
CA ALA A 68 -18.94 -18.03 -7.12
C ALA A 68 -17.63 -17.97 -6.36
N ASP A 69 -17.07 -16.77 -6.25
CA ASP A 69 -15.83 -16.54 -5.51
C ASP A 69 -16.16 -15.84 -4.20
N SER A 70 -15.11 -15.43 -3.50
CA SER A 70 -15.27 -14.78 -2.21
C SER A 70 -14.05 -13.95 -1.87
N PHE A 71 -14.27 -12.89 -1.08
CA PHE A 71 -13.23 -11.99 -0.64
C PHE A 71 -13.60 -11.38 0.69
N VAL A 72 -12.59 -10.89 1.40
CA VAL A 72 -12.75 -9.87 2.43
C VAL A 72 -11.69 -8.82 2.14
N ILE A 73 -12.12 -7.66 1.63
CA ILE A 73 -11.19 -6.60 1.27
C ILE A 73 -11.67 -5.27 1.87
N ARG A 74 -10.78 -4.30 1.87
CA ARG A 74 -11.08 -2.97 2.37
C ARG A 74 -12.00 -2.23 1.42
N GLY A 75 -12.61 -1.16 1.92
CA GLY A 75 -13.58 -0.42 1.13
C GLY A 75 -12.98 0.41 0.02
N ASP A 76 -11.68 0.68 0.09
CA ASP A 76 -10.98 1.40 -0.96
C ASP A 76 -10.47 0.49 -2.07
N GLU A 77 -10.74 -0.81 -1.97
CA GLU A 77 -10.33 -1.79 -2.97
C GLU A 77 -11.51 -2.49 -3.63
N VAL A 78 -12.73 -2.04 -3.38
CA VAL A 78 -13.91 -2.67 -3.97
C VAL A 78 -14.05 -2.29 -5.44
N ARG A 79 -13.84 -1.00 -5.74
CA ARG A 79 -13.87 -0.51 -7.12
C ARG A 79 -12.76 -1.09 -7.97
N GLN A 80 -11.66 -1.48 -7.34
CA GLN A 80 -10.49 -2.04 -7.98
C GLN A 80 -10.73 -3.41 -8.59
N ILE A 81 -11.70 -4.17 -8.05
CA ILE A 81 -11.96 -5.55 -8.49
C ILE A 81 -12.47 -5.60 -9.92
N ALA A 82 -13.34 -4.66 -10.30
CA ALA A 82 -14.01 -4.54 -11.59
C ALA A 82 -13.02 -4.37 -12.73
N PRO A 83 -13.34 -4.83 -13.95
CA PRO A 83 -12.38 -4.72 -15.06
C PRO A 83 -12.16 -3.28 -15.51
N GLY A 84 -10.94 -3.00 -15.96
CA GLY A 84 -10.55 -1.69 -16.42
C GLY A 84 -9.64 -0.93 -15.48
N GLN A 85 -9.54 -1.33 -14.22
CA GLN A 85 -8.64 -0.71 -13.25
C GLN A 85 -7.62 -1.72 -12.77
N THR A 86 -6.35 -1.31 -12.80
CA THR A 86 -5.24 -2.08 -12.25
C THR A 86 -4.66 -1.31 -11.07
N GLY A 87 -4.40 -2.03 -9.99
CA GLY A 87 -3.92 -1.41 -8.77
C GLY A 87 -2.97 -2.31 -8.01
N ASN A 88 -3.22 -2.52 -6.72
CA ASN A 88 -2.38 -3.38 -5.91
C ASN A 88 -3.04 -4.67 -5.44
N ILE A 89 -4.36 -4.80 -5.55
CA ILE A 89 -5.01 -6.02 -5.08
C ILE A 89 -5.71 -6.77 -6.23
N ALA A 90 -6.05 -6.10 -7.32
CA ALA A 90 -6.59 -6.79 -8.49
C ALA A 90 -5.53 -7.01 -9.55
N ASP A 91 -4.27 -6.73 -9.23
CA ASP A 91 -3.17 -6.91 -10.16
C ASP A 91 -2.33 -8.11 -9.76
N TYR A 92 -2.30 -8.47 -8.47
CA TYR A 92 -1.47 -9.57 -8.00
C TYR A 92 -2.24 -10.58 -7.15
N ASN A 93 -3.55 -10.44 -7.01
CA ASN A 93 -4.34 -11.43 -6.29
C ASN A 93 -5.55 -11.94 -7.07
N TYR A 94 -6.20 -11.09 -7.86
CA TYR A 94 -7.41 -11.49 -8.57
C TYR A 94 -7.58 -10.63 -9.80
N LYS A 95 -7.22 -11.15 -10.96
CA LYS A 95 -7.31 -10.40 -12.21
C LYS A 95 -8.61 -10.78 -12.91
N LEU A 96 -9.44 -9.79 -13.20
CA LEU A 96 -10.63 -10.04 -13.98
C LEU A 96 -10.38 -9.74 -15.46
N PRO A 97 -10.96 -10.52 -16.37
CA PRO A 97 -10.74 -10.28 -17.80
C PRO A 97 -11.51 -9.06 -18.27
N ASP A 98 -11.20 -8.65 -19.51
CA ASP A 98 -11.76 -7.41 -20.06
C ASP A 98 -13.25 -7.60 -20.38
N ASP A 99 -13.62 -8.77 -20.89
CA ASP A 99 -15.01 -9.08 -21.20
C ASP A 99 -15.41 -10.36 -20.49
N PHE A 100 -16.30 -10.25 -19.51
CA PHE A 100 -16.82 -11.43 -18.82
C PHE A 100 -18.24 -11.13 -18.34
N THR A 101 -18.99 -12.20 -18.10
CA THR A 101 -20.37 -12.10 -17.65
C THR A 101 -20.46 -12.55 -16.19
N GLY A 102 -21.19 -11.79 -15.39
CA GLY A 102 -21.25 -12.03 -13.96
C GLY A 102 -20.76 -10.83 -13.20
N CYS A 103 -21.13 -10.67 -11.93
CA CYS A 103 -20.91 -9.37 -11.32
C CYS A 103 -20.80 -9.41 -9.81
N VAL A 104 -20.16 -8.36 -9.29
CA VAL A 104 -19.70 -8.31 -7.91
C VAL A 104 -20.86 -7.95 -6.99
N ILE A 105 -20.71 -8.33 -5.72
CA ILE A 105 -21.70 -8.05 -4.67
C ILE A 105 -20.90 -7.67 -3.44
N ALA A 106 -21.08 -6.45 -2.95
CA ALA A 106 -20.27 -5.94 -1.85
C ALA A 106 -21.16 -5.39 -0.74
N TRP A 107 -20.91 -5.82 0.49
CA TRP A 107 -21.64 -5.30 1.64
C TRP A 107 -20.70 -5.16 2.82
N ASN A 108 -21.02 -4.23 3.72
CA ASN A 108 -20.22 -4.01 4.91
C ASN A 108 -20.40 -5.14 5.90
N SER A 109 -19.33 -5.44 6.64
CA SER A 109 -19.35 -6.47 7.67
C SER A 109 -18.63 -6.01 8.92
N ASN A 110 -18.99 -4.83 9.42
CA ASN A 110 -18.38 -4.33 10.66
C ASN A 110 -18.82 -5.16 11.86
N LYS A 111 -20.07 -5.63 11.85
CA LYS A 111 -20.57 -6.41 12.97
C LYS A 111 -20.02 -7.84 12.96
N LEU A 112 -19.80 -8.42 11.78
CA LEU A 112 -19.46 -9.83 11.69
C LEU A 112 -17.96 -10.08 11.61
N ASP A 113 -17.17 -9.10 11.18
CA ASP A 113 -15.76 -9.35 10.89
C ASP A 113 -14.83 -8.47 11.70
N SER A 114 -15.20 -7.22 11.99
CA SER A 114 -14.32 -6.30 12.69
C SER A 114 -14.28 -6.67 14.16
N LYS A 115 -13.10 -7.07 14.64
CA LYS A 115 -12.94 -7.46 16.07
C LYS A 115 -12.08 -6.42 16.79
N VAL A 116 -12.53 -5.96 17.97
CA VAL A 116 -11.78 -4.89 18.71
C VAL A 116 -10.39 -5.38 19.10
N SER A 117 -10.28 -6.65 19.53
CA SER A 117 -8.95 -7.21 19.85
C SER A 117 -8.10 -7.26 18.58
N GLY A 118 -8.72 -7.64 17.45
CA GLY A 118 -8.00 -7.67 16.16
C GLY A 118 -8.47 -8.80 15.26
N ASN A 119 -8.06 -8.76 13.99
CA ASN A 119 -8.44 -9.76 13.00
C ASN A 119 -7.31 -9.94 11.99
N TYR A 120 -6.24 -10.59 12.47
CA TYR A 120 -5.02 -10.77 11.69
C TYR A 120 -5.04 -12.06 10.87
N ASN A 121 -6.20 -12.70 10.73
CA ASN A 121 -6.31 -13.93 9.98
C ASN A 121 -6.68 -13.71 8.51
N TYR A 122 -6.66 -12.47 8.03
CA TYR A 122 -6.85 -12.15 6.61
C TYR A 122 -5.53 -11.66 6.04
N LEU A 123 -5.10 -12.26 4.94
CA LEU A 123 -3.79 -12.03 4.36
C LEU A 123 -3.95 -11.75 2.88
N TYR A 124 -3.00 -11.02 2.31
CA TYR A 124 -3.09 -10.64 0.92
C TYR A 124 -1.67 -10.48 0.40
N ARG A 125 -1.53 -10.22 -0.89
CA ARG A 125 -0.22 -10.09 -1.50
C ARG A 125 -0.12 -8.77 -2.24
N LEU A 126 1.01 -8.07 -2.04
CA LEU A 126 1.26 -6.87 -2.79
C LEU A 126 2.63 -6.86 -3.47
N PHE A 127 3.50 -7.82 -3.16
CA PHE A 127 4.71 -8.08 -3.94
C PHE A 127 4.60 -9.43 -4.64
N ARG A 128 4.85 -9.43 -5.94
CA ARG A 128 5.04 -10.66 -6.71
C ARG A 128 6.00 -10.34 -7.85
N LYS A 129 6.98 -11.23 -8.06
CA LYS A 129 7.97 -11.01 -9.12
C LYS A 129 7.34 -11.07 -10.51
N SER A 130 6.44 -12.02 -10.73
CA SER A 130 5.69 -12.07 -11.96
C SER A 130 4.43 -11.23 -11.82
N ASN A 131 3.52 -11.39 -12.77
CA ASN A 131 2.21 -10.75 -12.71
C ASN A 131 1.14 -11.84 -12.76
N LEU A 132 -0.12 -11.43 -12.91
CA LEU A 132 -1.23 -12.37 -12.99
C LEU A 132 -1.90 -12.31 -14.35
N LYS A 133 -2.23 -13.49 -14.85
CA LYS A 133 -3.24 -13.67 -15.87
C LYS A 133 -4.61 -13.61 -15.21
N PRO A 134 -5.70 -13.52 -15.97
CA PRO A 134 -7.02 -13.72 -15.36
C PRO A 134 -7.21 -15.10 -14.76
N PHE A 135 -7.77 -15.12 -13.54
CA PHE A 135 -8.34 -16.28 -12.85
C PHE A 135 -7.30 -17.37 -12.56
N GLU A 136 -6.32 -17.05 -11.71
CA GLU A 136 -5.63 -18.09 -10.98
C GLU A 136 -5.36 -17.63 -9.55
N ARG A 137 -4.81 -18.55 -8.77
CA ARG A 137 -4.50 -18.37 -7.36
C ARG A 137 -3.03 -18.66 -7.13
N ASP A 138 -2.46 -18.01 -6.13
CA ASP A 138 -1.05 -18.24 -5.76
C ASP A 138 -1.00 -18.54 -4.28
N ILE A 139 -1.03 -19.83 -3.93
CA ILE A 139 -1.00 -20.24 -2.54
C ILE A 139 0.44 -20.26 -2.01
N SER A 140 1.43 -20.40 -2.89
CA SER A 140 2.82 -20.56 -2.51
C SER A 140 3.39 -19.28 -1.91
N THR A 141 4.25 -19.43 -0.91
CA THR A 141 4.67 -18.36 -0.03
C THR A 141 6.21 -18.33 0.01
N GLU A 142 6.82 -18.31 -1.17
CA GLU A 142 8.25 -18.09 -1.26
C GLU A 142 8.58 -16.63 -0.96
N ILE A 143 9.76 -16.39 -0.42
CA ILE A 143 10.15 -15.05 -0.01
C ILE A 143 10.53 -14.25 -1.25
N TYR A 144 9.90 -13.10 -1.42
CA TYR A 144 10.15 -12.26 -2.58
C TYR A 144 11.47 -11.52 -2.42
N GLN A 145 12.27 -11.52 -3.49
CA GLN A 145 13.55 -10.85 -3.53
C GLN A 145 13.45 -9.62 -4.42
N ALA A 146 13.77 -8.45 -3.86
CA ALA A 146 13.66 -7.20 -4.58
C ALA A 146 14.96 -6.77 -5.25
N GLY A 147 16.04 -7.54 -5.10
CA GLY A 147 17.33 -7.13 -5.59
C GLY A 147 17.99 -8.21 -6.42
N ASN A 148 19.16 -7.87 -6.96
CA ASN A 148 19.91 -8.82 -7.77
C ASN A 148 20.55 -9.90 -6.90
N LYS A 149 20.93 -9.55 -5.68
CA LYS A 149 21.58 -10.50 -4.80
C LYS A 149 20.54 -11.49 -4.23
N PRO A 150 20.92 -12.76 -4.04
CA PRO A 150 20.01 -13.69 -3.35
C PRO A 150 19.96 -13.42 -1.86
N CYS A 151 18.83 -12.86 -1.42
CA CYS A 151 18.69 -12.46 -0.03
C CYS A 151 18.39 -13.65 0.87
N ASN A 152 17.22 -14.29 0.68
CA ASN A 152 16.80 -15.60 1.18
C ASN A 152 16.73 -15.64 2.72
N GLY A 153 16.36 -16.79 3.29
CA GLY A 153 16.38 -16.96 4.73
C GLY A 153 15.26 -16.21 5.42
N VAL A 154 15.62 -15.49 6.49
CA VAL A 154 14.65 -14.67 7.20
C VAL A 154 14.40 -13.38 6.42
N ALA A 155 13.32 -12.70 6.78
CA ALA A 155 12.86 -11.50 6.07
C ALA A 155 13.71 -10.31 6.51
N GLY A 156 14.77 -10.03 5.76
CA GLY A 156 15.60 -8.87 6.01
C GLY A 156 15.29 -7.73 5.05
N PHE A 157 16.31 -6.91 4.81
CA PHE A 157 16.23 -5.92 3.75
C PHE A 157 16.27 -6.62 2.39
N ASN A 158 15.31 -6.26 1.53
CA ASN A 158 15.00 -6.81 0.19
C ASN A 158 14.58 -8.28 0.20
N CYS A 159 14.38 -8.90 1.36
CA CYS A 159 13.52 -10.07 1.52
C CYS A 159 12.18 -9.59 2.01
N TYR A 160 11.11 -10.03 1.34
CA TYR A 160 9.78 -9.70 1.79
C TYR A 160 8.95 -10.97 1.88
N PHE A 161 8.32 -11.17 3.03
CA PHE A 161 7.28 -12.17 3.16
C PHE A 161 6.07 -11.64 2.39
N PRO A 162 5.61 -12.33 1.35
CA PRO A 162 4.64 -11.70 0.44
C PRO A 162 3.21 -11.71 0.95
N LEU A 163 2.93 -12.27 2.12
CA LEU A 163 1.57 -12.37 2.64
C LEU A 163 1.43 -11.41 3.82
N ARG A 164 0.83 -10.25 3.54
CA ARG A 164 0.67 -9.17 4.50
C ARG A 164 -0.75 -9.15 5.04
N SER A 165 -0.94 -8.45 6.14
CA SER A 165 -2.19 -8.53 6.87
C SER A 165 -3.01 -7.24 6.77
N TYR A 166 -4.31 -7.40 6.96
CA TYR A 166 -5.27 -6.35 7.31
C TYR A 166 -5.37 -6.12 8.80
N SER A 167 -5.91 -4.97 9.16
CA SER A 167 -6.15 -4.58 10.54
C SER A 167 -7.60 -4.11 10.65
N PHE A 168 -8.43 -4.88 11.34
CA PHE A 168 -9.88 -4.63 11.43
C PHE A 168 -10.35 -4.28 12.83
N ARG A 169 -9.68 -3.36 13.50
CA ARG A 169 -10.27 -2.74 14.66
C ARG A 169 -11.45 -1.86 14.22
N PRO A 170 -12.52 -1.79 15.03
CA PRO A 170 -13.71 -1.03 14.63
C PRO A 170 -13.58 0.48 14.75
N THR A 171 -12.43 1.00 15.19
CA THR A 171 -12.23 2.44 15.31
C THR A 171 -12.09 3.09 13.94
N TYR A 172 -11.65 2.33 12.93
CA TYR A 172 -11.46 2.86 11.58
C TYR A 172 -12.80 3.16 10.92
N GLY A 173 -12.81 4.24 10.14
CA GLY A 173 -14.01 4.67 9.45
C GLY A 173 -14.18 3.96 8.12
N VAL A 174 -15.12 4.48 7.32
CA VAL A 174 -15.46 3.88 6.04
C VAL A 174 -14.32 4.12 5.05
N GLY A 175 -13.74 3.04 4.56
CA GLY A 175 -12.57 3.13 3.71
C GLY A 175 -11.56 2.05 4.08
N HIS A 176 -11.58 1.62 5.35
CA HIS A 176 -10.74 0.51 5.80
C HIS A 176 -11.58 -0.59 6.43
N GLN A 177 -12.89 -0.53 6.30
CA GLN A 177 -13.88 -1.45 6.82
C GLN A 177 -14.04 -2.65 5.88
N PRO A 178 -14.32 -3.84 6.42
CA PRO A 178 -14.33 -5.06 5.58
C PRO A 178 -15.57 -5.13 4.71
N TYR A 179 -15.37 -5.11 3.41
CA TYR A 179 -16.45 -5.21 2.43
C TYR A 179 -16.32 -6.56 1.75
N ARG A 180 -17.12 -7.52 2.19
CA ARG A 180 -16.98 -8.91 1.74
C ARG A 180 -17.48 -9.09 0.32
N VAL A 181 -16.59 -8.93 -0.65
CA VAL A 181 -16.96 -8.97 -2.06
C VAL A 181 -17.16 -10.42 -2.48
N VAL A 182 -18.33 -10.73 -3.02
CA VAL A 182 -18.60 -12.00 -3.68
C VAL A 182 -18.84 -11.70 -5.15
N VAL A 183 -17.98 -12.24 -6.01
CA VAL A 183 -18.06 -12.00 -7.44
C VAL A 183 -18.52 -13.28 -8.13
N LEU A 184 -19.53 -13.15 -8.98
CA LEU A 184 -20.06 -14.25 -9.75
C LEU A 184 -19.49 -14.21 -11.16
N SER A 185 -19.40 -15.38 -11.78
CA SER A 185 -18.96 -15.50 -13.15
C SER A 185 -19.93 -16.39 -13.90
N PHE A 186 -20.42 -15.91 -15.04
CA PHE A 186 -21.37 -16.64 -15.86
C PHE A 186 -20.65 -17.08 -17.13
N GLU A 187 -20.84 -18.34 -17.53
CA GLU A 187 -20.19 -18.83 -18.73
C GLU A 187 -21.16 -19.66 -19.56
N LEU A 188 -20.90 -19.69 -20.87
CA LEU A 188 -21.78 -20.31 -21.85
C LEU A 188 -21.06 -21.37 -22.65
N LEU A 189 -20.38 -22.29 -21.97
CA LEU A 189 -19.63 -23.35 -22.62
C LEU A 189 -20.56 -24.34 -23.32
N HIS A 190 -20.02 -25.08 -24.29
CA HIS A 190 -20.82 -25.99 -25.09
C HIS A 190 -21.25 -27.22 -24.30
N ALA A 191 -22.44 -27.12 -23.70
CA ALA A 191 -22.99 -28.11 -22.79
C ALA A 191 -24.48 -27.82 -22.64
N PRO A 192 -25.26 -28.79 -22.17
CA PRO A 192 -26.65 -28.48 -21.81
C PRO A 192 -26.69 -27.54 -20.60
N ALA A 193 -27.25 -26.35 -20.81
CA ALA A 193 -27.34 -25.36 -19.75
C ALA A 193 -28.40 -25.78 -18.74
N THR A 194 -28.03 -25.75 -17.46
CA THR A 194 -28.91 -26.25 -16.43
C THR A 194 -28.99 -25.37 -15.18
N VAL A 195 -28.34 -24.21 -15.17
CA VAL A 195 -28.51 -23.22 -14.11
C VAL A 195 -29.38 -22.13 -14.70
N CYS A 196 -30.66 -22.11 -14.35
CA CYS A 196 -31.54 -21.20 -15.07
C CYS A 196 -32.67 -20.80 -14.13
N GLY A 197 -33.08 -19.53 -14.25
CA GLY A 197 -33.83 -18.88 -13.21
C GLY A 197 -35.27 -19.38 -13.10
N PRO A 198 -35.90 -19.09 -11.95
CA PRO A 198 -37.26 -19.59 -11.72
C PRO A 198 -38.30 -18.79 -12.48
N LYS A 199 -38.99 -19.45 -13.41
CA LYS A 199 -40.02 -18.75 -14.17
C LYS A 199 -41.33 -18.68 -13.40
N LYS A 200 -41.74 -19.80 -12.80
CA LYS A 200 -42.96 -20.00 -11.99
C LYS A 200 -44.18 -19.64 -12.83
N SER A 201 -45.18 -18.95 -12.30
CA SER A 201 -46.31 -18.54 -13.09
C SER A 201 -46.16 -17.08 -13.50
N VAL B 1 2.67 8.31 17.92
CA VAL B 1 4.08 7.93 17.94
C VAL B 1 4.94 9.15 17.65
N GLN B 2 5.90 9.42 18.53
CA GLN B 2 6.79 10.56 18.39
C GLN B 2 8.24 10.10 18.47
N LEU B 3 9.13 10.91 17.93
CA LEU B 3 10.57 10.66 18.00
C LEU B 3 11.24 11.85 18.65
N VAL B 4 12.04 11.59 19.70
CA VAL B 4 12.84 12.64 20.33
C VAL B 4 14.31 12.33 20.08
N GLN B 5 15.14 13.36 20.14
CA GLN B 5 16.56 13.20 19.87
C GLN B 5 17.34 14.29 20.57
N SER B 6 18.66 14.12 20.63
CA SER B 6 19.56 14.99 21.37
C SER B 6 19.80 16.29 20.60
N GLY B 7 20.54 17.20 21.25
CA GLY B 7 20.82 18.51 20.71
C GLY B 7 21.98 18.54 19.75
N ALA B 8 22.68 19.68 19.72
CA ALA B 8 23.78 19.87 18.80
C ALA B 8 25.05 19.21 19.32
N GLU B 9 25.87 18.72 18.39
CA GLU B 9 27.03 17.91 18.73
C GLU B 9 28.33 18.59 18.30
N VAL B 10 29.43 17.83 18.34
CA VAL B 10 30.76 18.38 18.05
C VAL B 10 30.89 18.74 16.58
N LYS B 11 31.41 19.93 16.31
CA LYS B 11 31.56 20.45 14.96
C LYS B 11 33.00 20.35 14.45
N LYS B 12 33.98 20.47 15.35
CA LYS B 12 35.39 20.46 14.96
C LYS B 12 35.81 19.07 14.46
N PRO B 13 36.58 19.01 13.35
CA PRO B 13 36.82 17.71 12.69
C PRO B 13 37.84 16.83 13.40
N GLY B 14 38.07 15.65 12.84
CA GLY B 14 38.97 14.69 13.43
C GLY B 14 38.36 13.80 14.49
N SER B 15 37.07 13.95 14.76
CA SER B 15 36.39 13.21 15.82
C SER B 15 35.23 12.43 15.23
N SER B 16 34.58 11.63 16.09
CA SER B 16 33.42 10.84 15.72
C SER B 16 32.21 11.32 16.53
N VAL B 17 31.03 11.16 15.95
CA VAL B 17 29.80 11.71 16.52
C VAL B 17 28.85 10.58 16.89
N LYS B 18 28.35 10.64 18.13
CA LYS B 18 27.21 9.87 18.62
C LYS B 18 25.97 10.76 18.58
N VAL B 19 24.98 10.35 17.78
CA VAL B 19 23.66 10.96 17.83
C VAL B 19 22.63 9.83 17.88
N SER B 20 21.64 9.99 18.75
CA SER B 20 20.68 8.93 19.04
C SER B 20 19.28 9.50 19.06
N CYS B 21 18.30 8.68 18.67
CA CYS B 21 16.91 9.10 18.79
C CYS B 21 16.09 7.97 19.39
N LYS B 22 15.06 8.36 20.14
CA LYS B 22 14.23 7.46 20.92
C LYS B 22 12.78 7.59 20.47
N ALA B 23 12.13 6.45 20.24
CA ALA B 23 10.72 6.40 19.87
C ALA B 23 9.88 6.46 21.13
N SER B 24 9.26 7.61 21.38
CA SER B 24 8.42 7.82 22.54
C SER B 24 6.95 7.72 22.14
N GLY B 25 6.21 6.85 22.82
CA GLY B 25 4.79 6.68 22.58
C GLY B 25 4.51 5.56 21.60
N GLY B 26 4.05 4.42 22.12
CA GLY B 26 3.82 3.26 21.29
C GLY B 26 5.11 2.67 20.76
N THR B 27 5.90 2.06 21.66
CA THR B 27 7.25 1.60 21.33
C THR B 27 7.18 0.39 20.40
N PHE B 28 7.46 0.62 19.12
CA PHE B 28 7.44 -0.42 18.10
C PHE B 28 8.88 -0.67 17.64
N SER B 29 9.28 -1.94 17.67
CA SER B 29 10.64 -2.34 17.35
C SER B 29 10.72 -3.21 16.11
N ASN B 30 9.74 -3.11 15.21
CA ASN B 30 9.69 -3.97 14.04
C ASN B 30 9.87 -3.23 12.72
N TYR B 31 9.35 -2.01 12.62
CA TYR B 31 9.42 -1.26 11.37
C TYR B 31 10.83 -0.72 11.14
N ALA B 32 11.14 -0.45 9.88
CA ALA B 32 12.46 0.05 9.52
C ALA B 32 12.62 1.50 9.96
N LEU B 33 13.80 1.84 10.47
CA LEU B 33 14.10 3.18 10.94
C LEU B 33 15.29 3.71 10.15
N SER B 34 15.16 4.93 9.63
CA SER B 34 16.07 5.49 8.64
C SER B 34 16.63 6.81 9.14
N TRP B 35 17.78 7.19 8.57
CA TRP B 35 18.46 8.44 8.89
C TRP B 35 18.52 9.31 7.64
N VAL B 36 18.21 10.59 7.80
CA VAL B 36 18.10 11.54 6.70
C VAL B 36 18.91 12.79 7.02
N ARG B 37 19.82 13.16 6.13
CA ARG B 37 20.63 14.37 6.25
C ARG B 37 20.01 15.49 5.42
N GLN B 38 20.18 16.72 5.90
CA GLN B 38 19.73 17.89 5.15
C GLN B 38 20.73 19.01 5.32
N ALA B 39 21.26 19.51 4.21
CA ALA B 39 22.15 20.66 4.21
C ALA B 39 21.36 21.94 3.98
N PRO B 40 21.88 23.10 4.40
CA PRO B 40 21.23 24.37 4.00
C PRO B 40 21.21 24.61 2.50
N GLY B 41 22.24 24.19 1.77
CA GLY B 41 22.31 24.39 0.34
C GLY B 41 22.07 23.17 -0.51
N GLN B 42 21.53 22.08 0.05
CA GLN B 42 21.38 20.83 -0.68
C GLN B 42 20.14 20.13 -0.10
N GLY B 43 19.57 19.22 -0.89
CA GLY B 43 18.36 18.52 -0.51
C GLY B 43 18.59 17.42 0.51
N LEU B 44 17.57 16.60 0.68
CA LEU B 44 17.63 15.49 1.62
C LEU B 44 18.54 14.39 1.08
N GLU B 45 19.06 13.58 2.00
CA GLU B 45 19.93 12.47 1.63
C GLU B 45 19.71 11.31 2.60
N TRP B 46 19.80 10.10 2.07
CA TRP B 46 19.58 8.88 2.82
C TRP B 46 20.93 8.20 3.07
N MET B 47 21.14 7.68 4.28
CA MET B 47 22.41 6.99 4.56
C MET B 47 22.23 5.55 5.03
N GLY B 48 21.18 5.24 5.78
CA GLY B 48 21.09 3.90 6.32
C GLY B 48 19.81 3.58 7.06
N GLY B 49 19.47 2.31 7.11
CA GLY B 49 18.27 1.84 7.78
C GLY B 49 18.61 0.74 8.77
N ILE B 50 17.74 0.57 9.76
CA ILE B 50 17.91 -0.42 10.81
C ILE B 50 16.59 -1.10 11.11
N ILE B 51 16.64 -2.41 11.26
CA ILE B 51 15.54 -3.21 11.78
C ILE B 51 15.84 -3.49 13.25
N PRO B 52 15.03 -3.00 14.19
CA PRO B 52 15.37 -3.19 15.61
C PRO B 52 15.18 -4.61 16.12
N ILE B 53 14.27 -5.38 15.53
CA ILE B 53 14.04 -6.74 16.03
C ILE B 53 15.10 -7.69 15.51
N PHE B 54 15.67 -7.41 14.33
CA PHE B 54 16.59 -8.36 13.73
C PHE B 54 18.04 -7.89 13.85
N GLY B 55 18.26 -6.58 13.76
CA GLY B 55 19.61 -6.05 13.79
C GLY B 55 20.33 -6.04 12.47
N THR B 56 19.66 -6.40 11.37
CA THR B 56 20.23 -6.26 10.05
C THR B 56 20.34 -4.77 9.71
N THR B 57 21.38 -4.41 8.97
CA THR B 57 21.62 -3.02 8.59
C THR B 57 21.96 -2.96 7.11
N ASN B 58 21.31 -2.04 6.40
CA ASN B 58 21.68 -1.73 5.02
C ASN B 58 22.04 -0.26 4.93
N TYR B 59 23.02 0.04 4.07
CA TYR B 59 23.65 1.35 4.03
C TYR B 59 23.40 1.98 2.66
N ALA B 60 23.92 3.20 2.50
CA ALA B 60 23.82 3.90 1.23
C ALA B 60 25.02 3.56 0.36
N GLN B 61 25.21 4.32 -0.71
CA GLN B 61 26.36 4.15 -1.58
C GLN B 61 27.52 5.01 -1.06
N LYS B 62 28.74 4.54 -1.33
CA LYS B 62 30.04 5.23 -1.21
C LYS B 62 30.52 5.45 0.22
N PHE B 63 29.70 5.18 1.24
CA PHE B 63 30.18 5.25 2.61
C PHE B 63 29.64 4.10 3.45
N GLN B 64 29.69 2.89 2.90
CA GLN B 64 29.53 1.69 3.71
C GLN B 64 30.76 1.49 4.59
N GLY B 65 30.53 1.22 5.87
CA GLY B 65 31.60 1.06 6.83
C GLY B 65 31.99 2.33 7.57
N ARG B 66 31.69 3.50 7.01
CA ARG B 66 31.89 4.73 7.74
C ARG B 66 30.77 4.94 8.76
N VAL B 67 29.57 4.47 8.42
CA VAL B 67 28.39 4.56 9.26
C VAL B 67 28.26 3.29 10.09
N THR B 68 28.08 3.44 11.41
CA THR B 68 27.66 2.32 12.24
C THR B 68 26.40 2.72 13.01
N ILE B 69 25.39 1.85 12.96
CA ILE B 69 24.08 2.10 13.55
C ILE B 69 23.78 0.97 14.52
N THR B 70 23.40 1.32 15.74
CA THR B 70 23.15 0.34 16.80
C THR B 70 21.69 0.47 17.23
N ALA B 71 21.04 -0.68 17.43
CA ALA B 71 19.63 -0.69 17.84
C ALA B 71 19.47 -1.40 19.17
N ASP B 72 18.67 -0.81 20.06
CA ASP B 72 18.27 -1.45 21.31
C ASP B 72 16.77 -1.34 21.44
N GLU B 73 16.08 -2.49 21.45
CA GLU B 73 14.63 -2.50 21.59
C GLU B 73 14.15 -2.44 23.02
N SER B 74 15.03 -2.69 24.00
CA SER B 74 14.62 -2.68 25.39
C SER B 74 14.40 -1.26 25.91
N THR B 75 15.31 -0.34 25.56
CA THR B 75 15.18 1.06 25.96
C THR B 75 14.51 1.90 24.89
N SER B 76 14.16 1.29 23.74
CA SER B 76 13.55 1.94 22.57
C SER B 76 14.38 3.12 22.07
N THR B 77 15.70 2.94 22.05
CA THR B 77 16.64 3.97 21.61
C THR B 77 17.51 3.42 20.49
N ALA B 78 17.77 4.27 19.49
CA ALA B 78 18.59 3.92 18.35
C ALA B 78 19.80 4.86 18.28
N TYR B 79 21.00 4.29 18.21
CA TYR B 79 22.25 5.03 18.28
C TYR B 79 22.92 5.07 16.91
N MET B 80 23.73 6.12 16.72
CA MET B 80 24.31 6.49 15.45
C MET B 80 25.74 6.96 15.67
N GLU B 81 26.73 6.17 15.26
CA GLU B 81 28.13 6.58 15.25
C GLU B 81 28.55 6.87 13.82
N LEU B 82 29.09 8.06 13.60
CA LEU B 82 29.65 8.45 12.32
C LEU B 82 31.05 9.02 12.56
N SER B 83 32.05 8.45 11.91
CA SER B 83 33.43 8.86 12.10
C SER B 83 33.93 9.64 10.88
N SER B 84 35.15 10.17 11.03
CA SER B 84 35.91 10.87 9.99
C SER B 84 35.16 12.09 9.45
N LEU B 85 34.93 13.04 10.34
CA LEU B 85 34.12 14.21 10.01
C LEU B 85 34.94 15.24 9.23
N ARG B 86 34.30 15.87 8.25
CA ARG B 86 34.85 17.00 7.52
C ARG B 86 34.16 18.29 7.98
N SER B 87 34.62 19.40 7.41
CA SER B 87 33.94 20.68 7.60
C SER B 87 32.71 20.80 6.71
N GLU B 88 32.74 20.21 5.53
CA GLU B 88 31.61 20.24 4.60
C GLU B 88 30.62 19.11 4.84
N ASP B 89 30.87 18.25 5.82
CA ASP B 89 29.98 17.15 6.13
C ASP B 89 28.92 17.51 7.15
N THR B 90 28.84 18.79 7.56
CA THR B 90 27.83 19.20 8.51
C THR B 90 26.46 19.29 7.85
N ALA B 91 25.44 18.89 8.60
CA ALA B 91 24.05 18.87 8.15
C ALA B 91 23.16 18.80 9.38
N VAL B 92 21.90 19.11 9.19
CA VAL B 92 20.91 18.83 10.22
C VAL B 92 20.41 17.40 9.98
N TYR B 93 20.19 16.68 11.08
CA TYR B 93 19.95 15.25 11.02
C TYR B 93 18.53 14.93 11.48
N TYR B 94 17.92 13.95 10.81
CA TYR B 94 16.60 13.47 11.17
C TYR B 94 16.64 11.95 11.21
N CYS B 95 15.85 11.37 12.11
CA CYS B 95 15.56 9.96 12.05
C CYS B 95 14.07 9.78 11.84
N ALA B 96 13.73 8.75 11.08
CA ALA B 96 12.39 8.61 10.55
C ALA B 96 12.01 7.14 10.50
N ARG B 97 10.71 6.89 10.36
CA ARG B 97 10.21 5.56 10.02
C ARG B 97 9.37 5.75 8.76
N LEU B 98 10.01 5.71 7.60
CA LEU B 98 9.36 5.98 6.34
C LEU B 98 8.90 4.71 5.61
N ASP B 99 9.18 3.54 6.17
CA ASP B 99 8.82 2.27 5.57
C ASP B 99 7.80 1.59 6.46
N GLY B 100 6.62 1.30 5.92
CA GLY B 100 5.52 0.85 6.73
C GLY B 100 5.41 -0.63 6.94
N TYR B 101 6.46 -1.41 6.69
CA TYR B 101 6.40 -2.86 6.75
C TYR B 101 6.92 -3.34 8.11
N SER B 102 6.12 -4.12 8.82
CA SER B 102 6.51 -4.73 10.08
C SER B 102 6.98 -6.16 9.80
N PHE B 103 8.10 -6.54 10.39
CA PHE B 103 8.67 -7.85 10.10
C PHE B 103 8.19 -8.90 11.10
N GLY B 104 7.56 -8.47 12.20
CA GLY B 104 7.24 -9.42 13.26
C GLY B 104 5.98 -10.21 12.99
N HIS B 105 4.85 -9.52 12.89
CA HIS B 105 3.55 -10.15 12.68
C HIS B 105 2.90 -9.77 11.35
N ASP B 106 3.72 -9.58 10.31
CA ASP B 106 3.37 -9.51 8.89
C ASP B 106 2.49 -8.32 8.52
N ARG B 107 2.44 -7.29 9.34
CA ARG B 107 1.56 -6.17 9.04
C ARG B 107 2.29 -5.12 8.22
N TYR B 108 1.57 -4.51 7.28
CA TYR B 108 2.09 -3.43 6.45
C TYR B 108 1.23 -2.20 6.71
N TYR B 109 1.70 -1.31 7.56
CA TYR B 109 0.89 -0.14 7.92
C TYR B 109 1.04 0.90 6.82
N GLN B 110 -0.08 1.32 6.25
CA GLN B 110 -0.08 2.00 4.95
C GLN B 110 0.45 3.42 5.02
N ASP B 111 0.27 4.10 6.15
CA ASP B 111 0.46 5.55 6.22
C ASP B 111 1.92 5.96 6.16
N GLY B 112 2.85 5.06 6.47
CA GLY B 112 4.24 5.44 6.60
C GLY B 112 4.55 6.16 7.90
N MET B 113 3.62 6.16 8.85
CA MET B 113 3.70 6.58 10.25
C MET B 113 3.91 8.08 10.48
N ASP B 114 4.23 8.83 9.41
CA ASP B 114 4.60 10.26 9.44
C ASP B 114 5.65 10.56 10.51
N ASP B 115 6.65 9.70 10.62
CA ASP B 115 7.59 9.78 11.74
C ASP B 115 8.78 10.66 11.36
N TRP B 116 9.03 11.68 12.18
CA TRP B 116 10.06 12.67 11.93
C TRP B 116 10.50 13.25 13.26
N GLY B 117 11.73 13.76 13.29
CA GLY B 117 12.29 14.32 14.49
C GLY B 117 12.16 15.83 14.55
N PRO B 118 12.61 16.42 15.66
CA PRO B 118 12.59 17.90 15.73
C PRO B 118 13.64 18.55 14.87
N GLY B 119 14.86 18.02 14.85
CA GLY B 119 15.90 18.54 13.98
C GLY B 119 16.98 19.32 14.70
N THR B 120 18.14 18.71 14.89
CA THR B 120 19.27 19.39 15.54
C THR B 120 20.54 19.24 14.72
N ASP C 1 21.07 0.48 -6.44
CA ASP C 1 20.89 1.91 -6.23
C ASP C 1 20.75 2.65 -7.56
N ILE C 2 19.63 3.32 -7.75
CA ILE C 2 19.37 4.12 -8.95
C ILE C 2 19.07 5.55 -8.50
N GLN C 3 19.52 6.52 -9.30
CA GLN C 3 19.28 7.92 -9.02
C GLN C 3 17.94 8.36 -9.63
N MET C 4 17.40 9.46 -9.11
CA MET C 4 16.23 10.08 -9.70
C MET C 4 16.49 11.57 -9.93
N THR C 5 15.84 12.10 -10.96
CA THR C 5 15.92 13.51 -11.31
C THR C 5 14.53 14.11 -11.31
N GLN C 6 14.45 15.41 -11.07
CA GLN C 6 13.21 16.16 -11.06
C GLN C 6 13.27 17.27 -12.10
N SER C 7 12.27 18.15 -12.06
CA SER C 7 12.34 19.40 -12.79
C SER C 7 13.37 20.32 -12.11
N PRO C 8 13.93 21.29 -12.85
CA PRO C 8 14.76 22.31 -12.21
C PRO C 8 13.92 23.17 -11.26
N SER C 9 14.60 23.73 -10.25
CA SER C 9 13.96 24.31 -9.08
C SER C 9 13.22 25.62 -9.36
N SER C 10 13.35 26.20 -10.56
CA SER C 10 12.72 27.49 -10.86
C SER C 10 11.27 27.26 -11.31
N LEU C 11 10.42 26.96 -10.33
CA LEU C 11 8.98 27.01 -10.49
C LEU C 11 8.44 28.17 -9.65
N SER C 12 7.76 29.10 -10.31
CA SER C 12 7.12 30.23 -9.64
C SER C 12 5.75 30.43 -10.26
N ALA C 13 4.70 30.29 -9.45
CA ALA C 13 3.35 30.38 -9.95
C ALA C 13 2.49 31.17 -8.97
N SER C 14 1.43 31.78 -9.50
CA SER C 14 0.51 32.55 -8.70
C SER C 14 -0.58 31.65 -8.12
N VAL C 15 -1.55 32.25 -7.46
CA VAL C 15 -2.65 31.50 -6.85
C VAL C 15 -3.62 31.11 -7.95
N GLY C 16 -3.88 29.81 -8.09
CA GLY C 16 -4.80 29.34 -9.10
C GLY C 16 -4.13 28.97 -10.40
N ASP C 17 -3.12 28.10 -10.35
CA ASP C 17 -2.38 27.69 -11.53
C ASP C 17 -2.27 26.16 -11.50
N ARG C 18 -2.17 25.59 -12.69
CA ARG C 18 -1.91 24.16 -12.81
C ARG C 18 -0.42 23.89 -12.62
N VAL C 19 -0.12 22.92 -11.77
CA VAL C 19 1.25 22.56 -11.42
C VAL C 19 1.51 21.16 -11.97
N THR C 20 2.68 20.96 -12.58
CA THR C 20 3.00 19.72 -13.28
C THR C 20 4.43 19.30 -12.86
N ILE C 21 4.62 19.12 -11.54
CA ILE C 21 5.94 18.77 -11.04
C ILE C 21 6.28 17.35 -11.44
N THR C 22 7.38 17.18 -12.17
CA THR C 22 7.80 15.88 -12.65
C THR C 22 8.86 15.27 -11.74
N CYS C 23 9.01 13.96 -11.86
CA CYS C 23 9.95 13.18 -11.06
C CYS C 23 10.16 11.87 -11.80
N ARG C 24 11.39 11.62 -12.24
CA ARG C 24 11.67 10.51 -13.13
C ARG C 24 12.77 9.64 -12.54
N ALA C 25 12.60 8.32 -12.68
CA ALA C 25 13.59 7.36 -12.23
C ALA C 25 14.27 6.70 -13.43
N SER C 26 15.15 5.73 -13.18
CA SER C 26 15.90 5.08 -14.25
C SER C 26 15.60 3.59 -14.37
N GLN C 27 14.58 3.09 -13.66
CA GLN C 27 14.23 1.68 -13.74
C GLN C 27 12.73 1.57 -13.45
N ALA C 28 12.07 0.63 -14.13
CA ALA C 28 10.62 0.54 -14.17
C ALA C 28 10.08 0.00 -12.85
N ILE C 29 9.85 0.91 -11.92
CA ILE C 29 9.25 0.59 -10.63
C ILE C 29 7.76 0.89 -10.69
N ARG C 30 6.97 0.13 -9.90
CA ARG C 30 5.51 0.12 -10.05
C ARG C 30 4.79 1.43 -9.68
N ASN C 31 4.81 1.88 -8.40
CA ASN C 31 4.07 3.06 -7.97
C ASN C 31 4.64 3.70 -6.71
N ASP C 32 5.86 3.34 -6.31
CA ASP C 32 6.31 3.49 -4.93
C ASP C 32 6.85 4.88 -4.61
N LEU C 33 6.68 5.86 -5.50
CA LEU C 33 7.15 7.21 -5.22
C LEU C 33 6.26 7.89 -4.19
N GLY C 34 6.89 8.51 -3.20
CA GLY C 34 6.19 9.36 -2.26
C GLY C 34 6.57 10.81 -2.51
N TRP C 35 5.85 11.71 -1.86
CA TRP C 35 6.17 13.13 -1.97
C TRP C 35 6.06 13.78 -0.60
N TYR C 36 7.06 14.57 -0.25
CA TYR C 36 7.12 15.21 1.05
C TYR C 36 7.25 16.71 0.92
N GLN C 37 6.41 17.40 1.69
CA GLN C 37 6.41 18.85 1.80
C GLN C 37 7.33 19.25 2.93
N GLN C 38 8.26 20.16 2.65
CA GLN C 38 9.19 20.66 3.66
C GLN C 38 9.13 22.18 3.67
N LYS C 39 8.91 22.73 4.86
CA LYS C 39 8.94 24.14 5.13
C LYS C 39 10.29 24.47 5.76
N PRO C 40 10.81 25.71 5.61
CA PRO C 40 12.12 26.04 6.20
C PRO C 40 12.13 26.03 7.73
N GLY C 41 13.08 25.28 8.29
CA GLY C 41 13.21 25.17 9.73
C GLY C 41 12.20 24.26 10.40
N LYS C 42 11.57 23.36 9.65
CA LYS C 42 10.51 22.52 10.18
C LYS C 42 10.75 21.09 9.70
N ALA C 43 10.22 20.13 10.47
CA ALA C 43 10.24 18.73 10.10
C ALA C 43 9.38 18.49 8.85
N PRO C 44 9.71 17.47 8.04
CA PRO C 44 8.89 17.19 6.85
C PRO C 44 7.53 16.62 7.20
N LYS C 45 6.69 16.51 6.18
CA LYS C 45 5.34 15.98 6.33
C LYS C 45 4.95 15.29 5.03
N CYS C 46 4.36 14.11 5.14
CA CYS C 46 3.89 13.38 3.98
C CYS C 46 2.65 14.06 3.40
N LEU C 47 2.49 13.92 2.09
CA LEU C 47 1.31 14.40 1.38
C LEU C 47 0.52 13.30 0.71
N ILE C 48 1.19 12.41 -0.03
CA ILE C 48 0.56 11.28 -0.70
C ILE C 48 1.43 10.04 -0.46
N TYR C 49 0.77 8.88 -0.29
CA TYR C 49 1.51 7.65 0.00
C TYR C 49 2.36 7.20 -1.18
N ALA C 50 1.71 6.77 -2.24
CA ALA C 50 2.39 6.09 -3.34
C ALA C 50 1.49 6.21 -4.56
N ALA C 51 1.98 6.94 -5.58
CA ALA C 51 1.23 7.33 -6.79
C ALA C 51 -0.02 8.10 -6.36
N SER C 52 -1.23 7.59 -6.62
CA SER C 52 -2.41 8.44 -6.46
C SER C 52 -2.91 8.46 -5.03
N SER C 53 -2.45 7.54 -4.19
CA SER C 53 -3.03 7.38 -2.86
C SER C 53 -2.56 8.47 -1.91
N LEU C 54 -3.51 9.09 -1.22
CA LEU C 54 -3.31 10.37 -0.56
C LEU C 54 -3.37 10.22 0.95
N GLN C 55 -2.50 10.93 1.66
CA GLN C 55 -2.38 10.83 3.12
C GLN C 55 -3.58 11.46 3.81
N SER C 56 -4.03 10.83 4.89
CA SER C 56 -5.11 11.41 5.69
C SER C 56 -4.62 12.63 6.46
N GLY C 57 -5.53 13.58 6.66
CA GLY C 57 -5.22 14.78 7.42
C GLY C 57 -4.70 15.95 6.62
N VAL C 58 -4.92 15.96 5.31
CA VAL C 58 -4.48 17.08 4.46
C VAL C 58 -5.64 17.48 3.56
N PRO C 59 -5.69 18.77 3.18
CA PRO C 59 -6.64 19.18 2.13
C PRO C 59 -6.37 18.48 0.79
N SER C 60 -7.45 18.31 0.03
CA SER C 60 -7.46 17.46 -1.16
C SER C 60 -7.10 18.24 -2.43
N ARG C 61 -6.29 19.30 -2.31
CA ARG C 61 -5.77 20.02 -3.47
C ARG C 61 -4.60 19.31 -4.13
N PHE C 62 -4.11 18.23 -3.54
CA PHE C 62 -2.95 17.50 -4.02
C PHE C 62 -3.39 16.31 -4.86
N SER C 63 -2.62 16.00 -5.90
CA SER C 63 -2.84 14.75 -6.62
C SER C 63 -1.52 14.28 -7.19
N GLY C 64 -1.45 12.96 -7.44
CA GLY C 64 -0.26 12.37 -8.00
C GLY C 64 -0.64 11.35 -9.06
N SER C 65 0.29 11.13 -9.99
CA SER C 65 0.05 10.21 -11.09
C SER C 65 1.37 9.64 -11.57
N GLY C 66 1.29 8.52 -12.29
CA GLY C 66 2.46 7.87 -12.83
C GLY C 66 2.42 6.38 -12.64
N SER C 67 2.83 5.63 -13.67
CA SER C 67 2.80 4.17 -13.59
C SER C 67 4.13 3.56 -13.99
N GLY C 68 4.85 4.22 -14.90
CA GLY C 68 6.11 3.69 -15.36
C GLY C 68 7.29 4.29 -14.63
N THR C 69 8.06 5.14 -15.31
CA THR C 69 9.13 5.88 -14.69
C THR C 69 8.85 7.37 -14.54
N GLU C 70 7.97 7.93 -15.36
CA GLU C 70 7.61 9.34 -15.24
C GLU C 70 6.51 9.49 -14.21
N PHE C 71 6.71 10.43 -13.29
CA PHE C 71 5.81 10.62 -12.15
C PHE C 71 5.49 12.10 -12.01
N THR C 72 4.24 12.41 -11.71
CA THR C 72 3.76 13.80 -11.67
C THR C 72 3.01 14.10 -10.39
N LEU C 73 3.21 15.29 -9.86
CA LEU C 73 2.35 15.86 -8.83
C LEU C 73 1.65 17.08 -9.42
N THR C 74 0.38 17.24 -9.06
CA THR C 74 -0.46 18.32 -9.54
C THR C 74 -1.20 18.98 -8.38
N ILE C 75 -1.09 20.30 -8.30
CA ILE C 75 -1.91 21.13 -7.41
C ILE C 75 -3.12 21.62 -8.20
N SER C 76 -4.31 21.44 -7.64
CA SER C 76 -5.52 21.92 -8.31
C SER C 76 -5.60 23.44 -8.28
N SER C 77 -5.40 24.04 -7.11
CA SER C 77 -5.39 25.48 -6.96
C SER C 77 -4.43 25.83 -5.82
N LEU C 78 -3.69 26.92 -5.98
CA LEU C 78 -2.64 27.21 -5.02
C LEU C 78 -3.22 27.86 -3.77
N GLN C 79 -2.37 28.03 -2.77
CA GLN C 79 -2.75 28.45 -1.43
C GLN C 79 -1.68 29.42 -0.96
N PRO C 80 -2.00 30.30 0.00
CA PRO C 80 -0.96 31.20 0.55
C PRO C 80 0.22 30.52 1.25
N GLU C 81 0.04 29.32 1.81
CA GLU C 81 1.14 28.58 2.41
C GLU C 81 1.74 27.52 1.49
N ASP C 82 1.74 27.79 0.17
CA ASP C 82 2.28 26.84 -0.80
C ASP C 82 3.79 26.92 -0.91
N PHE C 83 4.40 27.93 -0.28
CA PHE C 83 5.82 28.24 -0.49
C PHE C 83 6.69 27.21 0.21
N ALA C 84 7.15 26.20 -0.53
CA ALA C 84 7.79 25.09 0.16
C ALA C 84 8.78 24.39 -0.77
N THR C 85 9.24 23.22 -0.35
CA THR C 85 10.06 22.36 -1.19
C THR C 85 9.59 20.92 -1.11
N TYR C 86 9.52 20.26 -2.26
CA TYR C 86 8.87 18.96 -2.41
C TYR C 86 9.90 17.91 -2.80
N PHE C 87 9.88 16.78 -2.10
CA PHE C 87 10.89 15.74 -2.30
C PHE C 87 10.25 14.42 -2.70
N CYS C 88 10.90 13.72 -3.64
CA CYS C 88 10.53 12.37 -4.02
C CYS C 88 11.34 11.36 -3.24
N LEU C 89 10.70 10.30 -2.77
CA LEU C 89 11.38 9.15 -2.18
C LEU C 89 11.06 7.91 -3.00
N GLN C 90 12.08 7.07 -3.21
CA GLN C 90 11.97 5.94 -4.14
C GLN C 90 11.07 4.83 -3.61
N GLN C 91 11.25 4.44 -2.35
CA GLN C 91 10.81 3.19 -1.73
C GLN C 91 11.33 1.99 -2.52
N ASN C 92 10.60 0.88 -2.47
CA ASN C 92 10.89 -0.39 -3.17
C ASN C 92 12.24 -0.91 -2.70
N ILE C 93 13.33 -0.72 -3.46
CA ILE C 93 14.64 -1.20 -3.03
C ILE C 93 15.21 -0.26 -1.98
N TYR C 94 16.07 -0.81 -1.13
CA TYR C 94 16.49 -0.08 0.07
C TYR C 94 17.55 1.01 -0.03
N PRO C 95 18.59 0.96 -0.91
CA PRO C 95 19.55 2.11 -0.96
C PRO C 95 18.95 3.46 -1.30
N ARG C 96 17.84 3.51 -2.06
CA ARG C 96 16.95 4.66 -2.23
C ARG C 96 17.58 5.92 -2.85
N THR C 97 16.78 6.97 -2.99
CA THR C 97 17.18 8.24 -3.57
C THR C 97 16.18 9.29 -3.08
N PHE C 98 16.68 10.45 -2.68
CA PHE C 98 15.85 11.62 -2.40
C PHE C 98 15.97 12.58 -3.57
N GLY C 99 14.89 12.71 -4.34
CA GLY C 99 14.85 13.70 -5.42
C GLY C 99 14.43 15.05 -4.87
N GLN C 100 15.21 16.09 -5.14
CA GLN C 100 15.04 17.41 -4.55
C GLN C 100 14.40 18.39 -5.53
N GLY C 101 13.87 19.47 -5.00
CA GLY C 101 13.25 20.53 -5.78
C GLY C 101 12.35 21.37 -4.89
N THR C 102 12.21 22.65 -5.28
CA THR C 102 11.43 23.60 -4.49
C THR C 102 10.41 24.29 -5.38
N LYS C 103 9.38 24.86 -4.75
CA LYS C 103 8.35 25.59 -5.46
C LYS C 103 7.95 26.81 -4.62
N VAL C 104 8.14 27.99 -5.22
CA VAL C 104 8.02 29.27 -4.54
C VAL C 104 6.88 30.08 -5.14
#